data_4BPZ
#
_entry.id   4BPZ
#
_cell.length_a   44.528
_cell.length_b   76.485
_cell.length_c   142.674
_cell.angle_alpha   90.00
_cell.angle_beta   90.00
_cell.angle_gamma   90.00
#
_symmetry.space_group_name_H-M   'P 21 21 21'
#
loop_
_entity.id
_entity.type
_entity.pdbx_description
1 polymer 'ENDO-1,3-BETA-GLUCANASE, FAMILY GH16'
2 branched beta-D-glucopyranose-(1-4)-beta-D-glucopyranose-(1-3)-alpha-D-glucopyranose
3 non-polymer 'CALCIUM ION'
4 water water
#
_entity_poly.entity_id   1
_entity_poly.type   'polypeptide(L)'
_entity_poly.pdbx_seq_one_letter_code
;HHHHHHGSAFNTLVFSDEFEYEGKPDPEKWHYQVIPPNNGSWHNNELQHYTNRSENSFVSDGTLKIRAIKEKYTFEGSTK
DYTSARLNSKFAFTYGKVEVRAKLPSKKGTWPAIWTLGANSNETGNYFGEQYGNAEWPACGSIDILEQNGWDKESTIAHF
HWSDLNSDEYQNLGGTTPITNASGSFHVYSLEWNASAMKVFLDDTLVYELKNSQNTPYNAPHYLLLNIAMGGTLGGDIPE
NFTDDIFEIDYVRIYQ
;
_entity_poly.pdbx_strand_id   A,B
#
loop_
_chem_comp.id
_chem_comp.type
_chem_comp.name
_chem_comp.formula
BGC D-saccharide, beta linking beta-D-glucopyranose 'C6 H12 O6'
CA non-polymer 'CALCIUM ION' 'Ca 2'
GLC D-saccharide, alpha linking alpha-D-glucopyranose 'C6 H12 O6'
#
# COMPACT_ATOMS: atom_id res chain seq x y z
N HIS A 6 -12.29 -15.98 15.11
CA HIS A 6 -11.63 -14.72 14.68
C HIS A 6 -10.73 -14.86 13.44
N GLY A 7 -10.82 -13.92 12.51
CA GLY A 7 -9.95 -14.01 11.30
C GLY A 7 -10.30 -14.98 10.20
N SER A 8 -11.41 -15.69 10.32
CA SER A 8 -11.77 -16.66 9.27
C SER A 8 -11.90 -16.05 7.81
N ALA A 9 -12.23 -14.75 7.71
CA ALA A 9 -12.41 -14.04 6.38
C ALA A 9 -11.08 -14.11 5.57
N PHE A 10 -9.95 -14.15 6.22
CA PHE A 10 -8.62 -14.16 5.53
C PHE A 10 -8.26 -15.62 5.24
N ASN A 11 -8.58 -16.08 4.04
CA ASN A 11 -8.56 -17.54 3.81
C ASN A 11 -7.73 -17.94 2.54
N THR A 12 -7.09 -16.98 1.82
CA THR A 12 -6.26 -17.35 0.66
C THR A 12 -4.77 -17.28 1.08
N LEU A 13 -4.12 -18.43 1.09
CA LEU A 13 -2.74 -18.48 1.47
C LEU A 13 -1.87 -17.79 0.44
N VAL A 14 -1.08 -16.79 0.82
CA VAL A 14 -0.20 -16.03 -0.10
C VAL A 14 1.24 -16.18 0.14
N PHE A 15 1.64 -16.60 1.34
CA PHE A 15 3.06 -16.80 1.64
C PHE A 15 3.11 -17.75 2.81
N SER A 16 4.11 -18.67 2.77
CA SER A 16 4.31 -19.48 3.99
C SER A 16 5.67 -20.08 3.98
N ASP A 17 6.11 -20.44 5.16
CA ASP A 17 7.30 -21.31 5.28
C ASP A 17 6.94 -22.28 6.41
N GLU A 18 6.80 -23.58 6.11
CA GLU A 18 6.59 -24.62 7.08
C GLU A 18 7.91 -25.18 7.68
N PHE A 19 9.03 -24.73 7.12
CA PHE A 19 10.33 -25.10 7.64
C PHE A 19 10.54 -26.64 7.66
N GLU A 20 10.03 -27.38 6.69
CA GLU A 20 10.17 -28.82 6.71
C GLU A 20 11.45 -29.26 6.01
N TYR A 21 12.31 -28.39 5.51
CA TYR A 21 13.57 -28.69 4.93
C TYR A 21 14.77 -28.57 5.93
N GLU A 22 16.02 -28.77 5.48
CA GLU A 22 17.24 -28.70 6.30
CA GLU A 22 17.22 -28.77 6.40
C GLU A 22 18.28 -27.71 5.80
N GLY A 23 18.86 -26.84 6.63
CA GLY A 23 19.90 -25.95 6.19
C GLY A 23 19.49 -24.54 6.34
N LYS A 24 19.97 -23.63 5.46
CA LYS A 24 19.78 -22.22 5.57
C LYS A 24 18.26 -21.98 5.39
N PRO A 25 17.70 -21.02 6.11
CA PRO A 25 16.40 -20.49 5.72
C PRO A 25 16.29 -20.26 4.19
N ASP A 26 15.15 -20.63 3.64
CA ASP A 26 14.97 -20.59 2.16
C ASP A 26 15.35 -19.18 1.61
N PRO A 27 16.36 -19.08 0.73
CA PRO A 27 16.73 -17.74 0.19
C PRO A 27 15.72 -17.11 -0.71
N GLU A 28 14.76 -17.89 -1.22
CA GLU A 28 13.65 -17.27 -1.96
C GLU A 28 12.63 -16.61 -1.08
N LYS A 29 12.66 -16.90 0.21
CA LYS A 29 11.66 -16.42 1.19
CA LYS A 29 11.66 -16.34 1.12
C LYS A 29 12.26 -15.40 2.17
N TRP A 30 13.54 -15.57 2.50
CA TRP A 30 14.09 -14.84 3.65
C TRP A 30 15.32 -14.11 3.26
N HIS A 31 15.44 -12.86 3.69
CA HIS A 31 16.62 -12.00 3.50
C HIS A 31 17.27 -11.77 4.89
N TYR A 32 18.56 -11.85 4.95
CA TYR A 32 19.29 -11.54 6.19
C TYR A 32 19.71 -10.11 6.23
N GLN A 33 19.57 -9.49 7.41
CA GLN A 33 20.24 -8.22 7.67
C GLN A 33 21.45 -8.50 8.47
N VAL A 34 22.57 -7.92 8.02
CA VAL A 34 23.85 -8.03 8.70
C VAL A 34 24.56 -6.70 8.89
N ILE A 35 24.23 -5.70 8.06
CA ILE A 35 24.90 -4.38 8.13
C ILE A 35 24.24 -3.57 9.28
N PRO A 36 25.01 -3.12 10.28
CA PRO A 36 24.38 -2.39 11.33
C PRO A 36 23.94 -1.04 10.79
N PRO A 37 22.76 -0.54 11.20
CA PRO A 37 22.20 0.70 10.63
C PRO A 37 22.75 1.94 11.31
N ASN A 38 23.42 1.85 12.45
CA ASN A 38 23.67 3.03 13.27
C ASN A 38 25.16 3.06 13.63
N ASN A 39 26.08 3.43 12.68
CA ASN A 39 27.56 3.58 13.01
C ASN A 39 28.10 2.36 13.72
N GLY A 40 27.84 1.15 13.20
CA GLY A 40 28.39 -0.04 13.73
C GLY A 40 27.53 -0.74 14.74
N SER A 41 26.35 -0.15 15.07
CA SER A 41 25.43 -0.76 16.05
C SER A 41 24.01 -0.85 15.50
N TRP A 42 23.21 -1.66 16.19
CA TRP A 42 21.76 -1.67 15.99
C TRP A 42 21.16 -0.59 16.85
N HIS A 43 19.84 -0.46 16.79
CA HIS A 43 19.09 0.55 17.53
C HIS A 43 18.85 0.11 18.95
N ASN A 44 18.15 0.98 19.72
CA ASN A 44 17.69 0.62 21.03
C ASN A 44 18.80 0.26 22.00
N ASN A 45 20.05 0.68 21.76
CA ASN A 45 21.16 0.31 22.62
C ASN A 45 21.40 -1.21 22.68
N GLU A 46 20.97 -1.95 21.62
CA GLU A 46 21.13 -3.40 21.59
C GLU A 46 22.60 -3.75 21.48
N LEU A 47 22.94 -4.97 21.95
CA LEU A 47 24.34 -5.36 22.11
C LEU A 47 24.82 -6.35 21.12
N GLN A 48 24.00 -6.81 20.17
CA GLN A 48 24.34 -7.86 19.23
C GLN A 48 24.82 -7.32 17.88
N HIS A 49 25.56 -8.16 17.16
CA HIS A 49 25.57 -8.16 15.69
C HIS A 49 24.64 -9.23 15.18
N TYR A 50 24.10 -8.96 14.01
CA TYR A 50 23.30 -9.95 13.27
C TYR A 50 24.13 -10.53 12.13
N THR A 51 24.04 -11.86 11.95
CA THR A 51 24.88 -12.55 10.94
C THR A 51 23.98 -13.47 10.18
N ASN A 52 24.53 -13.97 9.03
CA ASN A 52 23.79 -14.96 8.26
C ASN A 52 24.37 -16.35 8.40
N ARG A 53 25.15 -16.59 9.47
CA ARG A 53 25.81 -17.85 9.68
C ARG A 53 24.93 -18.88 10.28
N SER A 54 25.30 -20.15 10.11
CA SER A 54 24.60 -21.23 10.82
CA SER A 54 24.68 -21.27 10.78
C SER A 54 24.69 -21.18 12.32
N GLU A 55 25.65 -20.42 12.86
CA GLU A 55 25.63 -20.20 14.31
C GLU A 55 24.30 -19.61 14.72
N ASN A 56 23.76 -18.67 13.95
CA ASN A 56 22.61 -17.90 14.40
C ASN A 56 21.30 -18.19 13.81
N SER A 57 21.23 -19.05 12.76
CA SER A 57 19.95 -19.47 12.26
C SER A 57 20.13 -20.70 11.49
N PHE A 58 19.12 -21.57 11.54
CA PHE A 58 19.20 -22.88 10.85
C PHE A 58 17.82 -23.50 10.89
N VAL A 59 17.57 -24.41 9.96
CA VAL A 59 16.29 -25.06 9.87
C VAL A 59 16.56 -26.55 10.00
N SER A 60 15.81 -27.20 10.88
CA SER A 60 16.02 -28.64 11.08
C SER A 60 14.82 -29.16 11.78
N ASP A 61 14.52 -30.44 11.56
CA ASP A 61 13.48 -31.10 12.35
C ASP A 61 12.09 -30.38 12.30
N GLY A 62 11.76 -29.74 11.19
CA GLY A 62 10.51 -29.06 10.99
C GLY A 62 10.38 -27.66 11.55
N THR A 63 11.45 -27.04 12.07
CA THR A 63 11.37 -25.73 12.62
C THR A 63 12.59 -24.90 12.28
N LEU A 64 12.37 -23.59 12.18
CA LEU A 64 13.46 -22.60 12.13
C LEU A 64 13.91 -22.32 13.54
N LYS A 65 15.23 -22.22 13.73
CA LYS A 65 15.77 -21.69 14.95
C LYS A 65 16.56 -20.44 14.64
N ILE A 66 16.31 -19.38 15.42
CA ILE A 66 17.21 -18.23 15.51
C ILE A 66 17.91 -18.39 16.87
N ARG A 67 19.23 -18.23 16.86
CA ARG A 67 20.04 -18.51 18.08
C ARG A 67 20.91 -17.33 18.35
N ALA A 68 20.76 -16.78 19.57
CA ALA A 68 21.62 -15.70 20.06
C ALA A 68 22.74 -16.34 20.89
N ILE A 69 23.93 -15.81 20.78
CA ILE A 69 25.14 -16.43 21.39
C ILE A 69 26.01 -15.34 21.95
N LYS A 70 26.54 -15.57 23.18
CA LYS A 70 27.63 -14.70 23.69
C LYS A 70 28.89 -15.10 22.95
N GLU A 71 29.41 -14.20 22.14
CA GLU A 71 30.46 -14.49 21.16
C GLU A 71 30.98 -13.17 20.71
N LYS A 72 32.29 -12.95 20.76
CA LYS A 72 32.88 -11.71 20.20
C LYS A 72 32.77 -11.80 18.66
N TYR A 73 32.31 -10.75 18.04
CA TYR A 73 32.18 -10.75 16.61
C TYR A 73 32.36 -9.39 16.09
N THR A 74 33.15 -9.24 14.99
CA THR A 74 33.48 -7.87 14.43
C THR A 74 32.88 -7.82 13.02
N PHE A 75 32.20 -6.73 12.70
CA PHE A 75 31.74 -6.45 11.33
C PHE A 75 32.25 -5.02 11.05
N GLU A 76 33.09 -4.92 10.04
CA GLU A 76 33.54 -3.61 9.54
CA GLU A 76 33.59 -3.65 9.55
C GLU A 76 34.09 -2.72 10.67
N GLY A 77 34.92 -3.29 11.54
CA GLY A 77 35.58 -2.47 12.59
C GLY A 77 34.76 -2.38 13.86
N SER A 78 33.51 -2.90 13.89
CA SER A 78 32.64 -2.75 15.07
C SER A 78 32.60 -4.09 15.77
N THR A 79 33.06 -4.21 17.02
CA THR A 79 33.01 -5.49 17.75
C THR A 79 31.85 -5.47 18.70
N LYS A 80 31.12 -6.56 18.75
CA LYS A 80 30.06 -6.73 19.72
C LYS A 80 30.32 -8.04 20.44
N ASP A 81 29.61 -8.19 21.57
CA ASP A 81 29.82 -9.34 22.46
C ASP A 81 28.78 -10.45 22.26
N TYR A 82 27.80 -10.26 21.37
CA TYR A 82 26.75 -11.22 21.09
C TYR A 82 26.52 -11.27 19.61
N THR A 83 26.07 -12.40 19.14
CA THR A 83 25.58 -12.56 17.73
C THR A 83 24.21 -13.14 17.74
N SER A 84 23.43 -12.85 16.69
CA SER A 84 22.08 -13.35 16.53
C SER A 84 21.75 -13.28 15.02
N ALA A 85 20.47 -13.44 14.70
CA ALA A 85 20.02 -13.27 13.32
C ALA A 85 18.77 -12.40 13.31
N ARG A 86 18.64 -11.69 12.18
CA ARG A 86 17.51 -10.78 11.91
C ARG A 86 17.06 -11.08 10.44
N LEU A 87 15.97 -11.76 10.29
CA LEU A 87 15.42 -12.16 8.99
CA LEU A 87 15.46 -12.14 8.98
C LEU A 87 14.33 -11.19 8.58
N ASN A 88 14.22 -10.95 7.27
CA ASN A 88 13.10 -10.17 6.70
C ASN A 88 12.46 -11.02 5.65
N SER A 89 11.13 -11.04 5.58
CA SER A 89 10.51 -11.77 4.46
C SER A 89 10.80 -11.04 3.15
N LYS A 90 11.02 -11.89 2.13
N LYS A 90 11.05 -11.78 2.06
CA LYS A 90 11.15 -11.50 0.71
CA LYS A 90 11.19 -11.13 0.74
C LYS A 90 9.72 -11.52 0.15
C LYS A 90 9.78 -10.84 0.13
N PHE A 91 8.87 -10.75 0.81
N PHE A 91 8.76 -11.38 0.78
CA PHE A 91 7.43 -10.83 0.51
CA PHE A 91 7.39 -11.02 0.54
C PHE A 91 6.88 -9.69 1.26
C PHE A 91 6.97 -9.68 1.25
N ALA A 92 6.28 -8.79 0.52
CA ALA A 92 5.66 -7.61 1.08
C ALA A 92 4.18 -7.65 0.79
N PHE A 93 3.32 -7.22 1.66
CA PHE A 93 1.89 -7.42 1.51
C PHE A 93 1.13 -6.31 2.20
N THR A 94 -0.08 -6.07 1.69
CA THR A 94 -1.00 -5.09 2.30
C THR A 94 -2.25 -5.77 2.69
N TYR A 95 -2.50 -5.80 4.03
CA TYR A 95 -3.62 -6.50 4.66
C TYR A 95 -3.38 -7.98 4.69
N GLY A 96 -3.94 -8.66 5.65
CA GLY A 96 -3.89 -10.11 5.71
C GLY A 96 -3.88 -10.57 7.13
N LYS A 97 -3.75 -11.87 7.24
CA LYS A 97 -3.70 -12.57 8.53
C LYS A 97 -2.34 -13.26 8.57
N VAL A 98 -1.49 -12.90 9.51
CA VAL A 98 -0.18 -13.49 9.71
C VAL A 98 -0.22 -14.37 10.92
N GLU A 99 0.20 -15.63 10.77
CA GLU A 99 0.22 -16.60 11.90
C GLU A 99 1.61 -17.12 12.04
N VAL A 100 2.20 -17.05 13.23
CA VAL A 100 3.54 -17.57 13.49
C VAL A 100 3.44 -18.45 14.73
N ARG A 101 3.75 -19.73 14.58
CA ARG A 101 3.68 -20.65 15.74
C ARG A 101 5.13 -20.83 16.25
N ALA A 102 5.38 -20.53 17.52
CA ALA A 102 6.74 -20.45 18.01
C ALA A 102 6.84 -20.76 19.49
N LYS A 103 8.09 -21.07 19.88
CA LYS A 103 8.58 -21.17 21.25
C LYS A 103 9.59 -20.07 21.42
N LEU A 104 9.50 -19.31 22.53
CA LEU A 104 10.32 -18.12 22.76
C LEU A 104 11.57 -18.44 23.57
N PRO A 105 12.61 -17.63 23.51
CA PRO A 105 13.76 -17.85 24.40
C PRO A 105 13.34 -17.70 25.85
N SER A 106 13.93 -18.51 26.72
CA SER A 106 13.65 -18.41 28.17
C SER A 106 14.60 -17.53 28.93
N LYS A 107 15.78 -17.23 28.39
CA LYS A 107 16.83 -16.67 29.20
C LYS A 107 16.70 -15.19 29.35
N LYS A 108 17.17 -14.69 30.51
CA LYS A 108 17.21 -13.29 30.77
C LYS A 108 18.14 -12.57 29.78
N GLY A 109 17.75 -11.35 29.39
CA GLY A 109 18.53 -10.57 28.46
C GLY A 109 18.11 -10.67 26.99
N THR A 110 17.32 -11.68 26.67
CA THR A 110 16.88 -11.90 25.30
C THR A 110 15.61 -11.09 25.00
N TRP A 111 15.54 -10.62 23.75
CA TRP A 111 14.46 -9.77 23.26
C TRP A 111 14.00 -10.29 21.92
N PRO A 112 13.21 -11.31 21.87
CA PRO A 112 12.71 -11.83 20.58
C PRO A 112 11.60 -10.93 20.06
N ALA A 113 11.41 -10.96 18.73
CA ALA A 113 10.33 -10.21 18.14
C ALA A 113 9.88 -10.84 16.83
N ILE A 114 8.58 -10.69 16.59
CA ILE A 114 7.88 -10.99 15.32
C ILE A 114 7.22 -9.65 14.99
N TRP A 115 7.55 -9.01 13.88
CA TRP A 115 7.03 -7.65 13.71
C TRP A 115 7.12 -7.28 12.24
N THR A 116 6.61 -6.12 11.91
CA THR A 116 6.58 -5.63 10.52
C THR A 116 7.16 -4.23 10.45
N LEU A 117 7.63 -3.94 9.24
CA LEU A 117 7.96 -2.57 8.86
C LEU A 117 7.26 -2.29 7.53
N GLY A 118 6.85 -1.04 7.33
CA GLY A 118 6.45 -0.63 6.01
C GLY A 118 7.56 -0.88 5.02
N ALA A 119 7.14 -1.38 3.82
CA ALA A 119 8.13 -1.68 2.79
C ALA A 119 8.79 -0.43 2.23
N ASN A 120 8.26 0.77 2.50
CA ASN A 120 8.96 2.04 2.19
C ASN A 120 9.87 2.44 3.27
N SER A 121 10.27 1.57 4.22
CA SER A 121 11.20 1.96 5.27
C SER A 121 12.56 2.39 4.77
N ASN A 122 13.03 1.74 3.74
CA ASN A 122 14.37 1.93 3.26
C ASN A 122 15.39 1.72 4.35
N GLU A 123 15.15 0.82 5.28
CA GLU A 123 16.12 0.52 6.30
C GLU A 123 17.39 -0.01 5.70
N THR A 124 18.50 0.43 6.21
CA THR A 124 19.79 0.00 5.75
C THR A 124 19.90 -1.52 5.62
N GLY A 125 20.35 -2.00 4.45
CA GLY A 125 20.63 -3.45 4.33
C GLY A 125 19.36 -4.31 4.24
N ASN A 126 18.19 -3.69 4.05
CA ASN A 126 16.97 -4.46 3.90
C ASN A 126 16.78 -4.94 2.46
N TYR A 127 15.70 -5.62 2.16
CA TYR A 127 15.53 -6.22 0.84
C TYR A 127 14.92 -5.27 -0.17
N PHE A 128 14.16 -4.28 0.23
CA PHE A 128 13.33 -3.45 -0.67
C PHE A 128 13.93 -2.09 -0.99
N GLY A 129 14.91 -1.59 -0.24
CA GLY A 129 15.46 -0.28 -0.61
C GLY A 129 14.42 0.75 -0.77
N GLU A 130 14.54 1.53 -1.88
CA GLU A 130 13.62 2.65 -2.16
C GLU A 130 12.56 2.23 -3.19
N GLN A 131 12.30 0.95 -3.33
CA GLN A 131 11.26 0.53 -4.33
C GLN A 131 9.92 1.19 -4.11
N TYR A 132 9.43 1.26 -2.86
CA TYR A 132 8.13 1.72 -2.54
C TYR A 132 8.12 3.15 -2.11
N GLY A 133 9.25 3.71 -1.76
CA GLY A 133 9.36 5.04 -1.17
C GLY A 133 10.60 5.12 -0.31
N ASN A 134 10.62 6.13 0.57
CA ASN A 134 11.72 6.39 1.48
C ASN A 134 11.20 7.10 2.65
N ALA A 135 10.53 6.38 3.53
CA ALA A 135 9.82 6.93 4.68
C ALA A 135 10.51 6.40 5.93
N GLU A 136 11.43 7.16 6.47
CA GLU A 136 12.23 6.71 7.58
CA GLU A 136 12.24 6.74 7.59
C GLU A 136 11.32 6.41 8.77
N TRP A 137 11.58 5.28 9.45
CA TRP A 137 10.83 4.93 10.64
C TRP A 137 10.78 6.14 11.60
N PRO A 138 9.63 6.49 12.17
CA PRO A 138 8.41 5.65 12.27
C PRO A 138 7.40 5.94 11.11
N ALA A 139 7.81 6.77 10.13
CA ALA A 139 6.82 7.14 9.07
C ALA A 139 6.37 5.99 8.17
N CYS A 140 7.23 4.94 8.11
CA CYS A 140 6.87 3.77 7.33
C CYS A 140 5.86 2.89 8.09
N GLY A 141 5.71 3.08 9.38
CA GLY A 141 4.86 2.25 10.20
C GLY A 141 5.53 0.96 10.63
N SER A 142 5.06 0.46 11.75
CA SER A 142 5.42 -0.87 12.18
CA SER A 142 5.56 -0.88 12.32
C SER A 142 4.39 -1.45 13.10
N ILE A 143 4.23 -2.76 12.99
CA ILE A 143 3.37 -3.54 13.83
C ILE A 143 4.17 -4.58 14.59
N ASP A 144 4.07 -4.58 15.91
N ASP A 144 4.09 -4.61 15.91
CA ASP A 144 4.68 -5.69 16.69
CA ASP A 144 4.71 -5.69 16.69
C ASP A 144 3.59 -6.71 16.74
C ASP A 144 3.74 -6.81 17.02
N ILE A 145 3.85 -7.93 16.29
CA ILE A 145 2.98 -9.09 16.55
C ILE A 145 3.36 -9.75 17.87
N LEU A 146 4.64 -9.82 18.16
CA LEU A 146 5.12 -10.37 19.44
C LEU A 146 6.40 -9.71 19.77
N GLU A 147 6.56 -9.19 21.02
CA GLU A 147 7.84 -9.00 21.63
C GLU A 147 7.80 -9.58 23.04
N GLN A 148 8.96 -10.03 23.55
CA GLN A 148 9.10 -10.21 24.99
C GLN A 148 10.27 -9.46 25.44
N ASN A 149 10.19 -8.80 26.60
CA ASN A 149 11.35 -8.23 27.19
C ASN A 149 12.21 -9.27 27.89
N GLY A 150 13.37 -8.85 28.39
CA GLY A 150 14.34 -9.78 28.95
C GLY A 150 14.06 -10.18 30.36
N TRP A 151 13.22 -9.42 31.07
CA TRP A 151 13.10 -9.61 32.53
C TRP A 151 11.74 -10.18 32.91
N ASP A 152 10.77 -10.33 31.99
CA ASP A 152 9.44 -10.83 32.33
C ASP A 152 8.99 -11.75 31.21
N LYS A 153 9.34 -13.02 31.37
CA LYS A 153 8.95 -14.00 30.34
C LYS A 153 7.58 -14.51 30.53
N GLU A 154 6.84 -13.95 31.47
CA GLU A 154 5.45 -14.36 31.68
C GLU A 154 4.38 -13.38 31.09
N SER A 155 4.88 -12.44 30.27
CA SER A 155 3.95 -11.65 29.52
CA SER A 155 4.08 -11.37 29.59
C SER A 155 4.52 -11.39 28.10
N THR A 156 3.61 -11.14 27.19
CA THR A 156 3.99 -10.76 25.82
C THR A 156 3.46 -9.36 25.54
N ILE A 157 4.07 -8.78 24.53
CA ILE A 157 3.77 -7.43 24.11
C ILE A 157 3.30 -7.39 22.70
N ALA A 158 2.33 -6.53 22.40
CA ALA A 158 1.89 -6.21 20.98
C ALA A 158 1.95 -4.71 21.02
N HIS A 159 2.44 -4.16 19.95
N HIS A 159 2.42 -4.15 19.95
N HIS A 159 2.51 -4.08 20.02
CA HIS A 159 2.56 -2.73 19.88
CA HIS A 159 2.56 -2.73 19.88
CA HIS A 159 2.68 -2.63 19.99
C HIS A 159 2.51 -2.19 18.48
C HIS A 159 2.52 -2.19 18.49
C HIS A 159 2.93 -1.96 18.65
N PHE A 160 2.26 -0.89 18.38
CA PHE A 160 2.29 -0.18 17.11
C PHE A 160 3.14 1.04 17.22
N HIS A 161 3.89 1.33 16.19
CA HIS A 161 4.76 2.52 16.14
C HIS A 161 4.56 3.18 14.81
N TRP A 162 4.21 4.46 14.78
CA TRP A 162 3.97 5.12 13.51
C TRP A 162 3.95 6.59 13.70
N SER A 163 4.09 7.34 12.63
CA SER A 163 3.70 8.76 12.64
C SER A 163 2.57 8.94 11.66
N ASP A 164 1.61 9.78 12.03
CA ASP A 164 0.47 10.08 11.17
C ASP A 164 0.98 10.63 9.82
N LEU A 165 0.33 10.33 8.73
CA LEU A 165 0.80 10.83 7.43
CA LEU A 165 0.88 10.79 7.45
C LEU A 165 0.77 12.31 7.33
N ASN A 166 -0.14 12.91 8.09
CA ASN A 166 -0.25 14.33 7.90
C ASN A 166 0.46 15.05 9.06
N SER A 167 1.16 14.30 9.96
CA SER A 167 2.02 14.89 11.03
CA SER A 167 2.12 14.97 10.84
C SER A 167 3.39 14.24 11.24
N ASP A 168 4.33 14.96 11.82
CA ASP A 168 5.56 14.34 12.28
C ASP A 168 5.31 13.69 13.66
N GLU A 169 4.05 13.64 14.15
CA GLU A 169 3.71 13.30 15.59
C GLU A 169 3.91 11.73 15.76
N TYR A 170 4.93 11.31 16.50
CA TYR A 170 5.19 9.90 16.75
C TYR A 170 4.17 9.27 17.65
N GLN A 171 3.60 8.14 17.28
CA GLN A 171 2.62 7.45 18.11
C GLN A 171 3.19 6.09 18.46
N ASN A 172 2.95 5.64 19.68
CA ASN A 172 3.46 4.31 20.14
C ASN A 172 2.51 3.83 21.14
N LEU A 173 1.81 2.76 20.89
CA LEU A 173 0.83 2.27 21.87
C LEU A 173 0.60 0.81 21.66
N GLY A 174 0.04 0.15 22.63
CA GLY A 174 -0.26 -1.23 22.53
C GLY A 174 -0.68 -1.81 23.84
N GLY A 175 -0.50 -3.13 23.96
CA GLY A 175 -0.92 -3.86 25.16
C GLY A 175 0.02 -4.99 25.46
N THR A 176 -0.30 -5.69 26.52
CA THR A 176 0.44 -6.89 26.93
C THR A 176 -0.57 -7.96 27.37
N THR A 177 -0.13 -9.17 27.45
CA THR A 177 -0.97 -10.22 27.91
C THR A 177 -0.19 -11.26 28.63
N PRO A 178 -0.77 -11.95 29.61
CA PRO A 178 -0.02 -13.00 30.31
C PRO A 178 0.19 -14.19 29.42
N ILE A 179 1.29 -14.87 29.60
CA ILE A 179 1.58 -16.11 28.89
C ILE A 179 2.19 -17.12 29.83
N THR A 180 1.84 -18.39 29.63
CA THR A 180 2.38 -19.50 30.40
C THR A 180 3.27 -20.39 29.55
N ASN A 181 4.44 -20.71 30.05
CA ASN A 181 5.36 -21.61 29.38
C ASN A 181 5.64 -21.18 27.95
N ALA A 182 6.04 -19.90 27.79
CA ALA A 182 6.33 -19.42 26.45
C ALA A 182 7.45 -20.13 25.78
N SER A 183 8.40 -20.64 26.57
CA SER A 183 9.61 -21.26 26.05
C SER A 183 9.43 -22.76 25.86
N GLY A 184 8.53 -23.41 26.56
CA GLY A 184 8.42 -24.87 26.47
C GLY A 184 7.21 -25.36 25.71
N SER A 185 6.34 -24.44 25.31
CA SER A 185 5.11 -24.85 24.65
C SER A 185 4.96 -23.88 23.44
N PHE A 186 4.61 -24.42 22.28
CA PHE A 186 4.27 -23.56 21.14
C PHE A 186 2.99 -22.75 21.43
N HIS A 187 3.01 -21.46 21.00
CA HIS A 187 1.84 -20.65 20.93
C HIS A 187 1.76 -20.08 19.54
N VAL A 188 0.55 -19.60 19.14
CA VAL A 188 0.40 -18.94 17.84
C VAL A 188 0.26 -17.45 18.08
N TYR A 189 1.15 -16.66 17.49
CA TYR A 189 1.15 -15.21 17.56
C TYR A 189 0.61 -14.74 16.23
N SER A 190 -0.44 -13.93 16.23
CA SER A 190 -1.07 -13.58 14.94
C SER A 190 -1.46 -12.12 14.87
N LEU A 191 -1.62 -11.70 13.61
CA LEU A 191 -2.11 -10.39 13.23
C LEU A 191 -3.25 -10.54 12.28
N GLU A 192 -4.34 -9.81 12.44
CA GLU A 192 -5.37 -9.68 11.38
C GLU A 192 -5.40 -8.18 11.05
N TRP A 193 -5.13 -7.88 9.81
CA TRP A 193 -4.94 -6.55 9.34
C TRP A 193 -5.81 -6.30 8.13
N ASN A 194 -6.66 -5.26 8.21
CA ASN A 194 -7.44 -4.85 7.01
C ASN A 194 -7.62 -3.38 7.05
N ALA A 195 -8.37 -2.84 6.11
CA ALA A 195 -8.55 -1.38 6.02
C ALA A 195 -9.23 -0.81 7.27
N SER A 196 -9.97 -1.67 8.01
CA SER A 196 -10.73 -1.26 9.23
CA SER A 196 -10.67 -1.18 9.21
C SER A 196 -9.86 -1.24 10.50
N ALA A 197 -9.02 -2.27 10.66
CA ALA A 197 -8.36 -2.43 11.98
C ALA A 197 -7.19 -3.34 11.84
N MET A 198 -6.32 -3.25 12.85
CA MET A 198 -5.24 -4.24 13.08
CA MET A 198 -5.18 -4.21 13.07
C MET A 198 -5.42 -4.86 14.43
N LYS A 199 -5.48 -6.18 14.45
CA LYS A 199 -5.74 -6.93 15.68
C LYS A 199 -4.58 -7.89 15.90
N VAL A 200 -3.97 -7.87 17.08
CA VAL A 200 -2.87 -8.80 17.42
C VAL A 200 -3.37 -9.71 18.48
N PHE A 201 -3.17 -11.02 18.27
CA PHE A 201 -3.62 -12.04 19.18
C PHE A 201 -2.47 -12.89 19.66
N LEU A 202 -2.66 -13.45 20.87
CA LEU A 202 -1.88 -14.57 21.41
C LEU A 202 -2.87 -15.70 21.51
N ASP A 203 -2.72 -16.73 20.68
CA ASP A 203 -3.72 -17.77 20.56
C ASP A 203 -5.09 -17.05 20.27
N ASP A 204 -6.09 -17.19 21.13
CA ASP A 204 -7.36 -16.52 20.89
C ASP A 204 -7.59 -15.29 21.74
N THR A 205 -6.59 -14.82 22.44
CA THR A 205 -6.71 -13.62 23.28
C THR A 205 -6.27 -12.44 22.51
N LEU A 206 -7.10 -11.41 22.44
CA LEU A 206 -6.69 -10.16 21.81
C LEU A 206 -5.71 -9.45 22.71
N VAL A 207 -4.54 -9.12 22.16
CA VAL A 207 -3.56 -8.33 22.88
C VAL A 207 -3.83 -6.86 22.67
N TYR A 208 -4.07 -6.47 21.44
CA TYR A 208 -4.42 -5.07 21.16
C TYR A 208 -5.11 -5.01 19.79
N GLU A 209 -6.03 -4.09 19.65
CA GLU A 209 -6.60 -3.70 18.38
C GLU A 209 -6.53 -2.23 18.20
N LEU A 210 -6.01 -1.82 17.05
CA LEU A 210 -5.87 -0.43 16.66
C LEU A 210 -6.70 -0.17 15.45
N LYS A 211 -7.59 0.79 15.52
CA LYS A 211 -8.37 1.22 14.36
C LYS A 211 -7.46 1.73 13.27
N ASN A 212 -7.72 1.30 12.03
CA ASN A 212 -6.98 1.80 10.89
C ASN A 212 -7.62 3.03 10.26
N SER A 213 -6.87 3.82 9.54
CA SER A 213 -7.40 4.95 8.84
C SER A 213 -6.36 5.28 7.75
N GLN A 214 -6.77 6.10 6.80
CA GLN A 214 -5.84 6.58 5.76
C GLN A 214 -4.76 7.53 6.28
N ASN A 215 -4.91 8.07 7.47
CA ASN A 215 -3.87 8.88 8.03
CA ASN A 215 -3.85 8.84 7.99
C ASN A 215 -2.78 8.06 8.68
N THR A 216 -2.82 6.70 8.62
CA THR A 216 -1.77 5.84 9.21
C THR A 216 -0.94 5.21 8.05
N PRO A 217 0.27 4.74 8.28
CA PRO A 217 1.02 4.01 7.26
C PRO A 217 0.66 2.52 7.17
N TYR A 218 -0.55 2.16 7.45
CA TYR A 218 -0.99 0.77 7.50
C TYR A 218 -1.95 0.43 6.36
N ASN A 219 -1.73 1.08 5.19
CA ASN A 219 -2.55 0.83 3.96
C ASN A 219 -1.68 0.64 2.76
N ALA A 220 -0.41 0.30 2.98
CA ALA A 220 0.57 0.09 1.96
C ALA A 220 1.41 -1.13 2.39
N PRO A 221 2.30 -1.64 1.55
CA PRO A 221 2.89 -2.96 1.89
C PRO A 221 3.78 -2.92 3.08
N HIS A 222 3.75 -3.98 3.85
CA HIS A 222 4.74 -4.24 4.94
C HIS A 222 5.40 -5.55 4.69
N TYR A 223 6.60 -5.72 5.28
CA TYR A 223 7.29 -6.99 5.33
C TYR A 223 7.48 -7.45 6.75
N LEU A 224 7.69 -8.74 6.93
CA LEU A 224 7.83 -9.36 8.25
C LEU A 224 9.30 -9.43 8.66
N LEU A 225 9.57 -9.25 9.95
CA LEU A 225 10.84 -9.41 10.57
C LEU A 225 10.79 -10.44 11.68
N LEU A 226 11.87 -11.21 11.83
CA LEU A 226 12.02 -12.19 12.93
C LEU A 226 13.42 -12.02 13.47
N ASN A 227 13.57 -11.89 14.78
CA ASN A 227 14.92 -11.64 15.30
C ASN A 227 14.98 -11.98 16.80
N ILE A 228 16.19 -12.12 17.33
CA ILE A 228 16.43 -11.99 18.80
C ILE A 228 17.43 -10.87 19.00
N ALA A 229 17.05 -9.78 19.62
CA ALA A 229 18.03 -8.79 20.06
C ALA A 229 18.54 -9.22 21.43
N MET A 230 19.72 -8.75 21.78
CA MET A 230 20.33 -8.98 23.13
C MET A 230 20.50 -7.64 23.82
N GLY A 231 20.02 -7.57 25.06
CA GLY A 231 20.15 -6.33 25.82
C GLY A 231 19.34 -5.22 25.19
N GLY A 232 19.86 -3.98 25.39
CA GLY A 232 19.13 -2.82 24.93
C GLY A 232 17.86 -2.54 25.69
N THR A 233 17.01 -1.71 25.14
CA THR A 233 15.78 -1.18 25.83
CA THR A 233 15.93 -1.17 25.98
C THR A 233 15.01 -2.25 26.52
N LEU A 234 14.58 -3.21 25.71
CA LEU A 234 13.74 -4.29 26.21
C LEU A 234 14.49 -5.55 26.53
N GLY A 235 15.71 -5.78 26.07
CA GLY A 235 16.44 -6.92 26.53
C GLY A 235 16.91 -6.77 27.97
N GLY A 236 17.37 -5.58 28.33
CA GLY A 236 17.83 -5.38 29.71
C GLY A 236 19.16 -6.02 29.97
N ASP A 237 19.48 -6.16 31.24
CA ASP A 237 20.74 -6.73 31.69
C ASP A 237 20.80 -8.23 31.28
N ILE A 238 22.02 -8.57 30.82
CA ILE A 238 22.24 -9.96 30.39
C ILE A 238 23.12 -10.61 31.44
N PRO A 239 22.72 -11.78 32.01
CA PRO A 239 23.59 -12.45 33.00
C PRO A 239 24.95 -12.73 32.46
N GLU A 240 25.94 -12.57 33.35
CA GLU A 240 27.31 -12.84 32.96
C GLU A 240 27.50 -14.28 32.42
N ASN A 241 26.69 -15.20 32.89
CA ASN A 241 26.78 -16.57 32.50
C ASN A 241 26.10 -16.93 31.22
N PHE A 242 25.48 -15.97 30.51
CA PHE A 242 24.71 -16.29 29.30
C PHE A 242 25.61 -16.99 28.32
N THR A 243 25.08 -18.09 27.78
CA THR A 243 25.78 -18.83 26.73
C THR A 243 25.10 -18.63 25.37
N ASP A 244 23.90 -19.19 25.22
CA ASP A 244 23.13 -19.07 23.99
C ASP A 244 21.68 -19.34 24.30
N ASP A 245 20.77 -18.96 23.38
CA ASP A 245 19.36 -19.31 23.52
C ASP A 245 18.71 -19.28 22.16
N ILE A 246 17.58 -19.95 22.02
CA ILE A 246 16.87 -20.15 20.78
C ILE A 246 15.46 -19.61 20.80
N PHE A 247 15.07 -19.07 19.65
CA PHE A 247 13.67 -18.72 19.27
C PHE A 247 13.28 -19.70 18.18
N GLU A 248 12.35 -20.58 18.43
CA GLU A 248 12.03 -21.68 17.55
C GLU A 248 10.68 -21.43 16.91
N ILE A 249 10.66 -21.43 15.59
CA ILE A 249 9.45 -21.09 14.82
C ILE A 249 9.05 -22.29 13.97
N ASP A 250 7.87 -22.83 14.24
CA ASP A 250 7.34 -23.99 13.49
C ASP A 250 6.90 -23.58 12.09
N TYR A 251 6.24 -22.43 11.95
CA TYR A 251 5.82 -22.01 10.65
C TYR A 251 5.50 -20.48 10.70
N VAL A 252 5.52 -19.93 9.50
CA VAL A 252 4.95 -18.56 9.21
C VAL A 252 3.93 -18.78 8.12
N ARG A 253 2.71 -18.29 8.31
CA ARG A 253 1.69 -18.36 7.25
C ARG A 253 1.06 -16.97 7.13
N ILE A 254 0.81 -16.55 5.88
CA ILE A 254 0.14 -15.28 5.64
C ILE A 254 -1.02 -15.56 4.67
N TYR A 255 -2.21 -15.16 5.05
CA TYR A 255 -3.38 -15.31 4.28
C TYR A 255 -3.93 -13.91 3.91
N GLN A 256 -4.63 -13.82 2.79
CA GLN A 256 -5.37 -12.60 2.49
C GLN A 256 -6.79 -12.87 2.15
N HIS B 5 -22.49 -13.25 -8.69
CA HIS B 5 -22.14 -12.08 -9.59
C HIS B 5 -20.72 -11.60 -9.36
N HIS B 6 -20.03 -11.33 -10.47
CA HIS B 6 -18.65 -10.74 -10.38
C HIS B 6 -18.45 -9.58 -9.41
N GLY B 7 -17.38 -9.62 -8.57
CA GLY B 7 -17.12 -8.54 -7.62
C GLY B 7 -17.93 -8.53 -6.33
N SER B 8 -18.75 -9.55 -6.12
CA SER B 8 -19.70 -9.57 -4.99
C SER B 8 -18.90 -9.57 -3.65
N ALA B 9 -17.61 -10.00 -3.64
CA ALA B 9 -16.78 -10.01 -2.42
C ALA B 9 -16.61 -8.60 -1.77
N PHE B 10 -16.68 -7.55 -2.60
CA PHE B 10 -16.54 -6.14 -2.19
C PHE B 10 -17.95 -5.62 -1.92
N ASN B 11 -18.42 -5.73 -0.67
CA ASN B 11 -19.84 -5.61 -0.33
C ASN B 11 -20.02 -4.46 0.69
N THR B 12 -18.93 -3.80 1.10
CA THR B 12 -19.07 -2.77 2.15
C THR B 12 -18.83 -1.35 1.55
N LEU B 13 -19.87 -0.50 1.49
CA LEU B 13 -19.72 0.82 0.86
C LEU B 13 -18.76 1.64 1.68
N VAL B 14 -17.77 2.23 1.06
CA VAL B 14 -16.79 3.06 1.75
C VAL B 14 -16.76 4.53 1.31
N PHE B 15 -17.21 4.77 0.09
CA PHE B 15 -17.29 6.15 -0.43
C PHE B 15 -18.34 6.18 -1.50
N SER B 16 -19.13 7.24 -1.61
CA SER B 16 -20.10 7.38 -2.72
C SER B 16 -20.49 8.78 -2.90
N ASP B 17 -20.96 9.08 -4.11
CA ASP B 17 -21.75 10.29 -4.32
C ASP B 17 -22.87 9.86 -5.31
N GLU B 18 -24.11 10.06 -4.86
CA GLU B 18 -25.32 9.78 -5.72
C GLU B 18 -25.73 11.00 -6.45
N PHE B 19 -25.09 12.10 -6.09
CA PHE B 19 -25.27 13.42 -6.83
C PHE B 19 -26.76 13.83 -6.76
N GLU B 20 -27.36 13.63 -5.58
CA GLU B 20 -28.78 13.94 -5.44
C GLU B 20 -28.90 15.23 -4.63
N TYR B 21 -28.16 16.24 -5.06
CA TYR B 21 -28.20 17.62 -4.58
C TYR B 21 -28.12 18.57 -5.76
N GLU B 22 -28.23 19.86 -5.48
CA GLU B 22 -28.10 20.84 -6.48
C GLU B 22 -27.02 21.86 -6.21
N GLY B 23 -26.11 22.01 -7.19
CA GLY B 23 -25.01 22.96 -7.01
C GLY B 23 -23.66 22.42 -7.35
N LYS B 24 -22.60 22.93 -6.73
CA LYS B 24 -21.29 22.49 -7.08
C LYS B 24 -21.11 21.05 -6.60
N PRO B 25 -20.12 20.31 -7.16
CA PRO B 25 -19.83 18.99 -6.61
C PRO B 25 -19.54 19.07 -5.13
N ASP B 26 -20.03 18.10 -4.31
CA ASP B 26 -19.90 18.23 -2.86
C ASP B 26 -18.43 18.44 -2.49
N PRO B 27 -18.11 19.57 -1.82
CA PRO B 27 -16.69 19.85 -1.49
C PRO B 27 -16.05 18.95 -0.44
N GLU B 28 -16.89 18.24 0.35
CA GLU B 28 -16.35 17.17 1.23
C GLU B 28 -15.91 15.91 0.53
N LYS B 29 -16.32 15.76 -0.75
CA LYS B 29 -16.06 14.52 -1.55
C LYS B 29 -15.10 14.77 -2.70
N TRP B 30 -15.10 15.99 -3.26
CA TRP B 30 -14.41 16.20 -4.55
C TRP B 30 -13.51 17.41 -4.43
N HIS B 31 -12.26 17.26 -4.88
CA HIS B 31 -11.26 18.25 -5.03
C HIS B 31 -11.13 18.67 -6.53
N TYR B 32 -11.07 19.96 -6.85
CA TYR B 32 -10.80 20.41 -8.21
C TYR B 32 -9.31 20.49 -8.43
N GLN B 33 -8.84 19.97 -9.59
CA GLN B 33 -7.45 20.36 -9.99
C GLN B 33 -7.55 21.53 -11.01
N VAL B 34 -6.76 22.56 -10.80
CA VAL B 34 -6.87 23.73 -11.67
C VAL B 34 -5.48 24.17 -12.08
N ILE B 35 -4.43 23.81 -11.33
CA ILE B 35 -3.06 24.19 -11.59
C ILE B 35 -2.39 23.35 -12.64
N PRO B 36 -1.95 23.90 -13.79
CA PRO B 36 -1.38 22.99 -14.86
C PRO B 36 -0.08 22.44 -14.41
N PRO B 37 0.23 21.18 -14.65
CA PRO B 37 1.40 20.58 -14.05
C PRO B 37 2.64 20.86 -14.89
N ASN B 38 2.45 21.27 -16.15
CA ASN B 38 3.56 21.34 -17.04
C ASN B 38 3.73 22.77 -17.66
N ASN B 39 4.41 23.70 -16.96
CA ASN B 39 4.80 25.02 -17.60
C ASN B 39 3.58 25.68 -18.28
N GLY B 40 2.43 25.69 -17.54
CA GLY B 40 1.23 26.36 -18.04
C GLY B 40 0.28 25.45 -18.77
N SER B 41 0.68 24.19 -18.95
CA SER B 41 -0.11 23.27 -19.76
C SER B 41 -0.32 21.95 -19.06
N TRP B 42 -1.29 21.19 -19.49
CA TRP B 42 -1.49 19.82 -19.08
C TRP B 42 -0.58 18.90 -19.90
N HIS B 43 -0.62 17.61 -19.60
CA HIS B 43 0.24 16.64 -20.32
C HIS B 43 -0.39 16.23 -21.60
N ASN B 44 0.28 15.34 -22.35
CA ASN B 44 -0.29 14.70 -23.54
C ASN B 44 -0.67 15.70 -24.62
N ASN B 45 -0.03 16.88 -24.60
CA ASN B 45 -0.39 17.91 -25.61
C ASN B 45 -1.82 18.34 -25.55
N GLU B 46 -2.45 18.20 -24.39
CA GLU B 46 -3.84 18.57 -24.24
C GLU B 46 -4.03 20.08 -24.32
N LEU B 47 -5.23 20.47 -24.75
CA LEU B 47 -5.48 21.89 -25.08
C LEU B 47 -6.30 22.65 -24.04
N GLN B 48 -6.80 22.00 -22.99
CA GLN B 48 -7.61 22.67 -21.97
C GLN B 48 -6.86 23.23 -20.75
N HIS B 49 -7.53 24.19 -20.11
CA HIS B 49 -7.38 24.44 -18.69
C HIS B 49 -8.50 23.77 -17.96
N TYR B 50 -8.21 23.34 -16.71
CA TYR B 50 -9.26 22.83 -15.83
C TYR B 50 -9.58 23.91 -14.78
N THR B 51 -10.90 24.04 -14.45
CA THR B 51 -11.30 25.12 -13.52
C THR B 51 -12.24 24.54 -12.45
N ASN B 52 -12.49 25.37 -11.45
CA ASN B 52 -13.38 25.01 -10.38
C ASN B 52 -14.79 25.60 -10.58
N ARG B 53 -15.05 26.13 -11.78
CA ARG B 53 -16.28 26.91 -12.01
C ARG B 53 -17.55 26.07 -12.28
N SER B 54 -18.71 26.60 -11.89
CA SER B 54 -19.98 25.94 -12.21
C SER B 54 -20.13 25.73 -13.73
N GLU B 55 -19.51 26.60 -14.56
CA GLU B 55 -19.51 26.45 -16.02
C GLU B 55 -18.97 25.07 -16.45
N ASN B 56 -18.02 24.54 -15.68
CA ASN B 56 -17.39 23.28 -16.04
C ASN B 56 -17.79 22.09 -15.16
N SER B 57 -18.39 22.29 -14.00
CA SER B 57 -18.96 21.10 -13.29
C SER B 57 -20.07 21.55 -12.36
N PHE B 58 -21.16 20.78 -12.39
CA PHE B 58 -22.36 21.13 -11.65
C PHE B 58 -23.19 19.88 -11.48
N VAL B 59 -24.02 19.92 -10.42
CA VAL B 59 -24.80 18.73 -10.07
C VAL B 59 -26.28 19.15 -10.09
N SER B 60 -27.16 18.35 -10.71
CA SER B 60 -28.56 18.77 -10.77
C SER B 60 -29.30 17.55 -11.33
N ASP B 61 -30.58 17.48 -10.93
CA ASP B 61 -31.45 16.39 -11.32
C ASP B 61 -30.86 15.01 -11.20
N GLY B 62 -30.14 14.80 -10.10
CA GLY B 62 -29.55 13.48 -9.75
C GLY B 62 -28.27 13.07 -10.47
N THR B 63 -27.66 13.95 -11.22
CA THR B 63 -26.38 13.61 -11.84
C THR B 63 -25.40 14.76 -11.76
N LEU B 64 -24.11 14.40 -11.79
CA LEU B 64 -22.97 15.33 -11.99
C LEU B 64 -22.76 15.48 -13.53
N LYS B 65 -22.59 16.71 -13.92
CA LYS B 65 -22.14 17.02 -15.24
C LYS B 65 -20.73 17.61 -15.15
N ILE B 66 -19.81 17.06 -15.94
CA ILE B 66 -18.53 17.79 -16.24
C ILE B 66 -18.68 18.28 -17.71
N ARG B 67 -18.41 19.59 -17.88
CA ARG B 67 -18.68 20.26 -19.16
C ARG B 67 -17.41 20.87 -19.70
N ALA B 68 -17.00 20.44 -20.88
CA ALA B 68 -15.86 21.08 -21.59
C ALA B 68 -16.45 22.14 -22.56
N ILE B 69 -15.70 23.25 -22.69
CA ILE B 69 -16.25 24.43 -23.41
C ILE B 69 -15.12 25.02 -24.23
N LYS B 70 -15.43 25.40 -25.49
CA LYS B 70 -14.49 26.25 -26.25
C LYS B 70 -14.58 27.66 -25.70
N GLU B 71 -13.51 28.13 -25.05
CA GLU B 71 -13.52 29.33 -24.26
C GLU B 71 -12.08 29.75 -24.04
N LYS B 72 -11.69 31.02 -24.32
CA LYS B 72 -10.37 31.51 -23.96
C LYS B 72 -10.34 31.68 -22.48
N TYR B 73 -9.29 31.11 -21.86
CA TYR B 73 -9.23 31.16 -20.43
C TYR B 73 -7.80 31.23 -20.08
N THR B 74 -7.45 32.15 -19.20
CA THR B 74 -6.04 32.40 -18.87
C THR B 74 -5.84 32.14 -17.38
N PHE B 75 -4.82 31.31 -17.05
CA PHE B 75 -4.50 30.99 -15.66
C PHE B 75 -3.04 31.33 -15.53
N GLU B 76 -2.74 32.24 -14.58
CA GLU B 76 -1.36 32.64 -14.35
C GLU B 76 -0.57 32.87 -15.63
N GLY B 77 -1.17 33.60 -16.56
CA GLY B 77 -0.37 34.00 -17.74
C GLY B 77 -0.52 33.03 -18.88
N SER B 78 -1.06 31.86 -18.67
CA SER B 78 -1.12 30.81 -19.72
C SER B 78 -2.54 30.76 -20.27
N THR B 79 -2.67 31.08 -21.60
CA THR B 79 -4.02 31.10 -22.18
C THR B 79 -4.27 29.78 -22.95
N LYS B 80 -5.42 29.20 -22.72
CA LYS B 80 -5.83 28.01 -23.49
C LYS B 80 -7.19 28.36 -24.10
N ASP B 81 -7.49 27.54 -25.10
CA ASP B 81 -8.70 27.67 -25.91
C ASP B 81 -9.93 26.93 -25.41
N TYR B 82 -9.75 26.07 -24.39
CA TYR B 82 -10.87 25.28 -23.86
C TYR B 82 -10.77 25.26 -22.32
N THR B 83 -11.93 25.13 -21.69
CA THR B 83 -12.00 24.83 -20.25
C THR B 83 -12.75 23.54 -20.02
N SER B 84 -12.44 22.92 -18.87
CA SER B 84 -13.12 21.70 -18.46
C SER B 84 -12.95 21.57 -16.94
N ALA B 85 -13.23 20.39 -16.41
CA ALA B 85 -12.97 20.13 -14.97
C ALA B 85 -12.27 18.76 -14.89
N ARG B 86 -11.47 18.66 -13.84
CA ARG B 86 -10.75 17.44 -13.45
C ARG B 86 -10.87 17.23 -11.93
N LEU B 87 -11.79 16.39 -11.54
CA LEU B 87 -12.11 16.20 -10.08
C LEU B 87 -11.26 15.02 -9.60
N ASN B 88 -10.86 15.13 -8.31
CA ASN B 88 -10.23 14.04 -7.63
C ASN B 88 -11.04 13.72 -6.39
N SER B 89 -11.18 12.45 -6.06
CA SER B 89 -11.91 12.11 -4.82
C SER B 89 -11.07 12.52 -3.63
N LYS B 90 -11.76 13.12 -2.62
CA LYS B 90 -11.12 13.39 -1.32
C LYS B 90 -11.21 12.13 -0.49
N PHE B 91 -10.57 11.09 -0.97
CA PHE B 91 -10.73 9.73 -0.49
C PHE B 91 -9.70 8.91 -1.23
N ALA B 92 -8.91 8.17 -0.47
CA ALA B 92 -7.99 7.22 -1.02
C ALA B 92 -8.20 5.85 -0.39
N PHE B 93 -7.84 4.80 -1.10
CA PHE B 93 -8.23 3.46 -0.65
C PHE B 93 -7.28 2.49 -1.27
N THR B 94 -7.07 1.35 -0.61
CA THR B 94 -6.29 0.23 -1.12
C THR B 94 -7.18 -0.98 -1.32
N TYR B 95 -7.35 -1.39 -2.58
CA TYR B 95 -8.27 -2.47 -2.98
C TYR B 95 -9.74 -2.07 -2.86
N GLY B 96 -10.59 -2.65 -3.73
CA GLY B 96 -11.98 -2.36 -3.63
C GLY B 96 -12.59 -2.46 -4.98
N LYS B 97 -13.85 -2.15 -5.03
CA LYS B 97 -14.66 -2.18 -6.24
C LYS B 97 -15.20 -0.80 -6.50
N VAL B 98 -14.83 -0.21 -7.66
CA VAL B 98 -15.25 1.17 -8.03
C VAL B 98 -16.32 0.98 -9.09
N GLU B 99 -17.49 1.64 -8.95
CA GLU B 99 -18.54 1.61 -9.96
C GLU B 99 -18.89 3.04 -10.26
N VAL B 100 -18.89 3.39 -11.55
CA VAL B 100 -19.29 4.73 -12.01
C VAL B 100 -20.28 4.55 -13.12
N ARG B 101 -21.54 5.08 -12.92
CA ARG B 101 -22.61 4.93 -13.95
C ARG B 101 -22.62 6.27 -14.68
N ALA B 102 -22.42 6.25 -16.01
CA ALA B 102 -22.22 7.53 -16.72
C ALA B 102 -22.65 7.34 -18.18
N LYS B 103 -22.92 8.56 -18.75
CA LYS B 103 -23.06 8.82 -20.18
C LYS B 103 -21.84 9.64 -20.60
N LEU B 104 -21.24 9.29 -21.71
CA LEU B 104 -19.98 9.90 -22.13
C LEU B 104 -20.25 11.01 -23.12
N PRO B 105 -19.33 11.96 -23.32
CA PRO B 105 -19.44 12.94 -24.39
C PRO B 105 -19.50 12.34 -25.74
N SER B 106 -20.38 12.89 -26.63
CA SER B 106 -20.49 12.38 -28.02
C SER B 106 -19.62 13.10 -28.93
N LYS B 107 -19.20 14.34 -28.58
CA LYS B 107 -18.58 15.20 -29.61
C LYS B 107 -17.13 14.86 -29.86
N LYS B 108 -16.68 15.07 -31.09
CA LYS B 108 -15.34 14.77 -31.45
C LYS B 108 -14.36 15.73 -30.75
N GLY B 109 -13.16 15.22 -30.42
CA GLY B 109 -12.12 16.03 -29.79
C GLY B 109 -12.13 15.87 -28.28
N THR B 110 -13.16 15.27 -27.73
CA THR B 110 -13.21 15.09 -26.26
C THR B 110 -12.57 13.73 -25.88
N TRP B 111 -11.95 13.81 -24.68
CA TRP B 111 -11.18 12.64 -24.15
C TRP B 111 -11.61 12.50 -22.67
N PRO B 112 -12.76 11.88 -22.42
CA PRO B 112 -13.19 11.66 -21.02
C PRO B 112 -12.36 10.52 -20.42
N ALA B 113 -12.27 10.59 -19.08
CA ALA B 113 -11.60 9.53 -18.33
C ALA B 113 -12.19 9.37 -16.95
N ILE B 114 -12.19 8.12 -16.53
CA ILE B 114 -12.48 7.67 -15.12
C ILE B 114 -11.22 6.84 -14.79
N TRP B 115 -10.43 7.27 -13.84
CA TRP B 115 -9.12 6.64 -13.66
C TRP B 115 -8.64 6.86 -12.26
N THR B 116 -7.54 6.18 -11.92
CA THR B 116 -6.94 6.31 -10.63
C THR B 116 -5.49 6.65 -10.77
N LEU B 117 -4.96 7.31 -9.75
CA LEU B 117 -3.57 7.46 -9.56
C LEU B 117 -3.22 7.00 -8.16
N GLY B 118 -1.99 6.48 -8.03
CA GLY B 118 -1.50 6.20 -6.70
C GLY B 118 -1.48 7.50 -5.89
N ALA B 119 -1.86 7.39 -4.62
CA ALA B 119 -1.94 8.54 -3.74
C ALA B 119 -0.56 9.10 -3.45
N ASN B 120 0.49 8.37 -3.75
CA ASN B 120 1.87 8.85 -3.71
C ASN B 120 2.30 9.62 -5.01
N SER B 121 1.35 9.95 -5.88
CA SER B 121 1.75 10.66 -7.13
C SER B 121 2.36 12.01 -6.86
N ASN B 122 1.90 12.71 -5.80
CA ASN B 122 2.28 14.12 -5.53
C ASN B 122 2.13 14.94 -6.83
N GLU B 123 1.07 14.67 -7.60
CA GLU B 123 0.83 15.53 -8.79
C GLU B 123 0.57 16.95 -8.28
N THR B 124 1.12 17.92 -9.01
CA THR B 124 0.84 19.33 -8.73
C THR B 124 -0.63 19.64 -8.57
N GLY B 125 -1.01 20.36 -7.49
CA GLY B 125 -2.38 20.79 -7.38
C GLY B 125 -3.35 19.75 -7.01
N ASN B 126 -2.88 18.54 -6.59
CA ASN B 126 -3.77 17.49 -6.19
C ASN B 126 -4.15 17.58 -4.69
N TYR B 127 -4.96 16.65 -4.18
CA TYR B 127 -5.42 16.70 -2.78
C TYR B 127 -4.47 16.20 -1.75
N PHE B 128 -3.56 15.26 -2.10
CA PHE B 128 -2.78 14.52 -1.11
C PHE B 128 -1.34 14.90 -0.97
N GLY B 129 -0.79 15.60 -1.99
CA GLY B 129 0.61 16.07 -1.89
C GLY B 129 1.63 14.96 -1.57
N GLU B 130 2.50 15.12 -0.58
CA GLU B 130 3.55 14.15 -0.26
C GLU B 130 3.16 13.31 0.94
N GLN B 131 1.88 13.26 1.32
CA GLN B 131 1.51 12.47 2.46
C GLN B 131 1.93 10.99 2.43
N TYR B 132 1.74 10.38 1.30
CA TYR B 132 2.07 8.94 1.12
C TYR B 132 3.48 8.71 0.54
N GLY B 133 4.01 9.69 -0.20
CA GLY B 133 5.27 9.52 -0.82
C GLY B 133 5.44 10.53 -1.95
N ASN B 134 6.39 10.29 -2.85
CA ASN B 134 6.67 11.28 -3.89
C ASN B 134 7.19 10.45 -5.05
N ALA B 135 6.30 9.75 -5.72
CA ALA B 135 6.61 8.79 -6.76
C ALA B 135 5.98 9.29 -8.07
N GLU B 136 6.76 10.05 -8.81
CA GLU B 136 6.32 10.69 -10.05
CA GLU B 136 6.34 10.70 -10.05
C GLU B 136 5.77 9.62 -11.00
N TRP B 137 4.59 9.87 -11.58
CA TRP B 137 4.02 8.92 -12.55
C TRP B 137 5.07 8.62 -13.59
N PRO B 138 5.28 7.36 -14.00
CA PRO B 138 4.40 6.20 -13.78
C PRO B 138 4.64 5.38 -12.50
N ALA B 139 5.61 5.84 -11.69
CA ALA B 139 5.92 4.95 -10.51
C ALA B 139 4.77 4.91 -9.50
N CYS B 140 3.90 5.90 -9.40
CA CYS B 140 2.77 5.86 -8.48
C CYS B 140 1.71 4.88 -9.03
N GLY B 141 1.76 4.55 -10.34
CA GLY B 141 0.76 3.78 -11.01
C GLY B 141 -0.46 4.57 -11.39
N SER B 142 -1.11 4.15 -12.49
CA SER B 142 -2.40 4.60 -12.81
CA SER B 142 -2.46 4.64 -12.87
C SER B 142 -3.24 3.47 -13.34
N ILE B 143 -4.56 3.53 -13.16
CA ILE B 143 -5.51 2.58 -13.73
C ILE B 143 -6.56 3.36 -14.49
N ASP B 144 -6.67 3.14 -15.76
CA ASP B 144 -7.75 3.75 -16.56
C ASP B 144 -8.93 2.80 -16.61
N ILE B 145 -9.95 3.17 -15.79
CA ILE B 145 -11.17 2.41 -15.77
C ILE B 145 -12.01 2.60 -17.04
N LEU B 146 -11.97 3.88 -17.51
CA LEU B 146 -12.62 4.23 -18.79
C LEU B 146 -11.81 5.37 -19.37
N GLU B 147 -11.50 5.21 -20.64
CA GLU B 147 -11.18 6.37 -21.52
C GLU B 147 -11.94 6.15 -22.83
N GLN B 148 -12.25 7.27 -23.50
CA GLN B 148 -12.56 7.20 -24.94
C GLN B 148 -11.64 8.21 -25.61
N ASN B 149 -11.19 7.80 -26.81
CA ASN B 149 -10.54 8.80 -27.65
C ASN B 149 -11.52 9.72 -28.31
N GLY B 150 -10.98 10.76 -28.97
CA GLY B 150 -11.78 11.83 -29.52
C GLY B 150 -12.38 11.56 -30.88
N TRP B 151 -12.21 10.38 -31.44
CA TRP B 151 -12.75 10.12 -32.78
C TRP B 151 -13.60 8.85 -32.82
N ASP B 152 -13.29 7.79 -32.07
CA ASP B 152 -14.00 6.51 -32.12
C ASP B 152 -14.89 6.41 -30.88
N LYS B 153 -16.12 6.86 -30.94
CA LYS B 153 -16.97 6.90 -29.76
C LYS B 153 -17.75 5.55 -29.63
N GLU B 154 -17.42 4.53 -30.45
CA GLU B 154 -17.99 3.18 -30.35
C GLU B 154 -17.05 2.19 -29.68
N SER B 155 -16.01 2.68 -29.02
CA SER B 155 -15.03 1.81 -28.34
C SER B 155 -14.72 2.43 -27.05
N THR B 156 -14.40 1.62 -26.04
CA THR B 156 -13.84 2.15 -24.77
C THR B 156 -12.49 1.48 -24.52
N ILE B 157 -11.70 2.15 -23.68
CA ILE B 157 -10.38 1.73 -23.30
C ILE B 157 -10.37 1.37 -21.81
N ALA B 158 -9.61 0.34 -21.47
CA ALA B 158 -9.16 0.07 -20.07
C ALA B 158 -7.65 0.00 -20.19
N HIS B 159 -6.92 0.50 -19.22
CA HIS B 159 -5.43 0.55 -19.36
C HIS B 159 -4.76 0.64 -18.05
N PHE B 160 -3.48 0.25 -18.04
CA PHE B 160 -2.64 0.28 -16.84
C PHE B 160 -1.31 0.84 -17.18
N HIS B 161 -0.80 1.73 -16.36
CA HIS B 161 0.54 2.31 -16.52
C HIS B 161 1.28 2.23 -15.20
N TRP B 162 2.49 1.65 -15.19
CA TRP B 162 3.21 1.54 -13.91
C TRP B 162 4.65 1.29 -14.20
N SER B 163 5.54 1.45 -13.19
CA SER B 163 6.96 1.02 -13.25
C SER B 163 7.14 -0.19 -12.40
N ASP B 164 7.64 -1.35 -12.92
CA ASP B 164 7.93 -2.48 -12.08
C ASP B 164 8.85 -2.03 -10.92
N LEU B 165 8.47 -2.26 -9.67
CA LEU B 165 9.21 -1.62 -8.60
C LEU B 165 10.64 -2.16 -8.43
N ASN B 166 10.84 -3.42 -8.74
CA ASN B 166 12.16 -4.01 -8.54
C ASN B 166 13.17 -3.52 -9.57
N SER B 167 12.74 -3.35 -10.82
CA SER B 167 13.62 -3.05 -11.93
C SER B 167 13.49 -1.66 -12.45
N ASP B 168 12.44 -0.94 -12.11
CA ASP B 168 12.06 0.32 -12.69
C ASP B 168 11.64 0.25 -14.17
N GLU B 169 11.30 -0.90 -14.67
CA GLU B 169 10.86 -0.98 -16.04
C GLU B 169 9.43 -0.50 -16.24
N TYR B 170 9.23 0.43 -17.17
CA TYR B 170 7.91 0.95 -17.43
C TYR B 170 7.05 -0.11 -18.09
N GLN B 171 5.82 -0.24 -17.69
CA GLN B 171 4.83 -1.18 -18.23
C GLN B 171 3.60 -0.41 -18.57
N ASN B 172 2.97 -0.83 -19.68
CA ASN B 172 1.77 -0.11 -20.21
C ASN B 172 1.00 -1.15 -20.96
N LEU B 173 -0.19 -1.53 -20.49
CA LEU B 173 -0.97 -2.53 -21.24
CA LEU B 173 -0.96 -2.68 -21.06
C LEU B 173 -2.44 -2.36 -20.93
N GLY B 174 -3.27 -2.85 -21.80
CA GLY B 174 -4.72 -2.76 -21.59
C GLY B 174 -5.46 -3.34 -22.74
N GLY B 175 -6.72 -3.00 -22.79
CA GLY B 175 -7.63 -3.58 -23.78
C GLY B 175 -8.68 -2.56 -24.21
N THR B 176 -9.55 -3.01 -25.10
CA THR B 176 -10.62 -2.21 -25.60
C THR B 176 -11.86 -3.04 -25.69
N THR B 177 -13.01 -2.42 -25.76
CA THR B 177 -14.27 -3.15 -25.94
C THR B 177 -15.27 -2.24 -26.66
N PRO B 178 -16.21 -2.85 -27.45
CA PRO B 178 -17.21 -2.02 -28.12
C PRO B 178 -18.21 -1.52 -27.16
N ILE B 179 -18.83 -0.40 -27.53
CA ILE B 179 -19.87 0.15 -26.74
C ILE B 179 -20.93 0.69 -27.64
N THR B 180 -22.18 0.43 -27.25
CA THR B 180 -23.30 0.89 -28.00
C THR B 180 -23.95 2.06 -27.23
N ASN B 181 -24.14 3.14 -27.95
CA ASN B 181 -24.89 4.21 -27.37
C ASN B 181 -24.27 4.77 -26.12
N ALA B 182 -22.94 5.05 -26.17
CA ALA B 182 -22.18 5.50 -24.98
C ALA B 182 -22.66 6.87 -24.48
N SER B 183 -23.17 7.73 -25.40
CA SER B 183 -23.59 9.06 -24.98
C SER B 183 -25.08 9.13 -24.66
N GLY B 184 -25.88 8.20 -25.19
CA GLY B 184 -27.33 8.29 -25.05
C GLY B 184 -27.92 7.38 -23.98
N SER B 185 -27.11 6.43 -23.51
CA SER B 185 -27.53 5.48 -22.45
C SER B 185 -26.48 5.42 -21.37
N PHE B 186 -26.93 5.23 -20.13
CA PHE B 186 -25.98 5.08 -19.06
C PHE B 186 -25.39 3.66 -19.08
N HIS B 187 -24.07 3.59 -18.80
CA HIS B 187 -23.45 2.30 -18.63
C HIS B 187 -22.69 2.37 -17.34
N VAL B 188 -22.36 1.20 -16.77
CA VAL B 188 -21.55 1.19 -15.56
C VAL B 188 -20.09 0.71 -15.86
N TYR B 189 -19.19 1.61 -15.48
CA TYR B 189 -17.71 1.42 -15.70
C TYR B 189 -17.13 1.07 -14.35
N SER B 190 -16.49 -0.10 -14.25
CA SER B 190 -16.08 -0.56 -12.91
C SER B 190 -14.69 -1.17 -12.94
N LEU B 191 -14.11 -1.16 -11.74
CA LEU B 191 -12.86 -1.80 -11.44
C LEU B 191 -13.07 -2.70 -10.22
N GLU B 192 -12.51 -3.90 -10.28
CA GLU B 192 -12.40 -4.81 -9.10
C GLU B 192 -10.95 -4.97 -8.90
N TRP B 193 -10.45 -4.57 -7.72
CA TRP B 193 -9.05 -4.46 -7.44
C TRP B 193 -8.77 -5.18 -6.12
N ASN B 194 -7.94 -6.20 -6.16
CA ASN B 194 -7.45 -6.77 -4.88
C ASN B 194 -6.01 -7.16 -5.04
N ALA B 195 -5.46 -7.85 -4.02
CA ALA B 195 -4.05 -8.18 -4.11
C ALA B 195 -3.71 -9.20 -5.13
N SER B 196 -4.74 -9.87 -5.67
CA SER B 196 -4.65 -10.87 -6.73
CA SER B 196 -4.49 -10.83 -6.73
C SER B 196 -4.65 -10.28 -8.15
N ALA B 197 -5.51 -9.32 -8.41
CA ALA B 197 -5.74 -8.86 -9.82
C ALA B 197 -6.50 -7.59 -9.79
N MET B 198 -6.40 -6.91 -10.98
CA MET B 198 -7.21 -5.70 -11.29
CA MET B 198 -7.27 -5.76 -11.25
C MET B 198 -8.06 -6.09 -12.49
N LYS B 199 -9.38 -5.98 -12.39
CA LYS B 199 -10.29 -6.30 -13.53
C LYS B 199 -11.10 -5.06 -13.82
N VAL B 200 -11.11 -4.62 -15.10
CA VAL B 200 -11.93 -3.48 -15.53
C VAL B 200 -13.04 -4.02 -16.38
N PHE B 201 -14.29 -3.56 -16.06
CA PHE B 201 -15.49 -4.00 -16.72
C PHE B 201 -16.23 -2.82 -17.37
N LEU B 202 -16.94 -3.14 -18.43
CA LEU B 202 -18.00 -2.27 -18.97
C LEU B 202 -19.27 -3.13 -18.78
N ASP B 203 -20.17 -2.61 -17.92
CA ASP B 203 -21.37 -3.42 -17.52
C ASP B 203 -20.85 -4.83 -17.01
N ASP B 204 -21.28 -5.95 -17.61
CA ASP B 204 -20.80 -7.26 -17.18
C ASP B 204 -19.74 -7.80 -18.06
N THR B 205 -19.16 -6.99 -18.95
CA THR B 205 -18.12 -7.40 -19.86
C THR B 205 -16.72 -7.07 -19.33
N LEU B 206 -15.89 -8.10 -19.14
CA LEU B 206 -14.48 -7.84 -18.77
C LEU B 206 -13.73 -7.21 -19.94
N VAL B 207 -13.18 -6.00 -19.73
CA VAL B 207 -12.36 -5.34 -20.76
C VAL B 207 -10.93 -5.77 -20.64
N TYR B 208 -10.35 -5.79 -19.45
CA TYR B 208 -8.95 -6.23 -19.29
C TYR B 208 -8.77 -6.64 -17.87
N GLU B 209 -7.92 -7.65 -17.68
CA GLU B 209 -7.54 -8.13 -16.34
C GLU B 209 -6.04 -8.09 -16.24
N LEU B 210 -5.47 -7.37 -15.30
CA LEU B 210 -4.00 -7.34 -15.03
C LEU B 210 -3.78 -8.16 -13.73
N LYS B 211 -2.91 -9.15 -13.76
CA LYS B 211 -2.54 -9.91 -12.54
C LYS B 211 -1.72 -8.97 -11.64
N ASN B 212 -2.01 -8.93 -10.39
CA ASN B 212 -1.29 -8.08 -9.44
C ASN B 212 -0.06 -8.82 -8.91
N SER B 213 0.92 -8.12 -8.39
CA SER B 213 2.11 -8.72 -7.80
C SER B 213 2.67 -7.64 -6.84
N GLN B 214 3.56 -8.03 -5.95
CA GLN B 214 4.15 -7.06 -4.98
C GLN B 214 5.01 -6.04 -5.74
N ASN B 215 5.37 -6.38 -7.00
CA ASN B 215 6.11 -5.47 -7.96
CA ASN B 215 6.11 -5.30 -7.68
C ASN B 215 5.36 -4.35 -8.65
N THR B 216 4.11 -4.18 -8.32
CA THR B 216 3.34 -3.15 -8.90
C THR B 216 3.11 -2.10 -7.84
N PRO B 217 2.67 -0.89 -8.26
CA PRO B 217 2.19 0.19 -7.33
C PRO B 217 0.68 0.03 -7.05
N TYR B 218 0.12 -1.17 -7.26
CA TYR B 218 -1.28 -1.41 -7.04
C TYR B 218 -1.51 -2.24 -5.72
N ASN B 219 -0.69 -1.88 -4.71
CA ASN B 219 -0.85 -2.44 -3.36
C ASN B 219 -0.75 -1.37 -2.30
N ALA B 220 -1.04 -0.13 -2.71
CA ALA B 220 -0.98 0.99 -1.86
C ALA B 220 -2.12 1.94 -2.27
N PRO B 221 -2.41 2.99 -1.52
CA PRO B 221 -3.73 3.68 -1.77
C PRO B 221 -3.71 4.42 -3.12
N HIS B 222 -4.88 4.44 -3.71
CA HIS B 222 -5.13 5.23 -4.95
C HIS B 222 -6.29 6.15 -4.67
N TYR B 223 -6.42 7.21 -5.50
CA TYR B 223 -7.60 8.06 -5.53
C TYR B 223 -8.15 8.11 -6.92
N LEU B 224 -9.41 8.52 -7.00
CA LEU B 224 -10.18 8.50 -8.26
C LEU B 224 -10.10 9.90 -8.92
N LEU B 225 -10.02 9.90 -10.26
CA LEU B 225 -10.05 11.12 -11.09
C LEU B 225 -11.19 10.94 -12.07
N LEU B 226 -11.82 12.10 -12.35
CA LEU B 226 -12.90 12.26 -13.37
C LEU B 226 -12.63 13.48 -14.17
N ASN B 227 -12.54 13.39 -15.50
CA ASN B 227 -12.22 14.60 -16.27
C ASN B 227 -12.65 14.45 -17.71
N ILE B 228 -12.73 15.61 -18.42
CA ILE B 228 -12.72 15.63 -19.88
C ILE B 228 -11.52 16.41 -20.37
N ALA B 229 -10.53 15.76 -21.02
CA ALA B 229 -9.44 16.53 -21.67
C ALA B 229 -9.94 16.90 -23.09
N MET B 230 -9.35 17.94 -23.65
CA MET B 230 -9.65 18.33 -25.04
C MET B 230 -8.40 18.21 -25.89
N GLY B 231 -8.58 17.53 -27.05
CA GLY B 231 -7.40 17.33 -27.93
C GLY B 231 -6.31 16.52 -27.27
N GLY B 232 -5.07 16.81 -27.61
CA GLY B 232 -3.97 16.00 -27.14
C GLY B 232 -3.95 14.61 -27.75
N THR B 233 -3.12 13.74 -27.16
CA THR B 233 -2.79 12.42 -27.76
CA THR B 233 -2.80 12.52 -27.94
C THR B 233 -4.04 11.66 -28.20
N LEU B 234 -4.96 11.50 -27.25
CA LEU B 234 -6.18 10.76 -27.54
C LEU B 234 -7.41 11.56 -27.82
N GLY B 235 -7.36 12.90 -27.62
CA GLY B 235 -8.46 13.68 -28.05
C GLY B 235 -8.49 13.92 -29.56
N GLY B 236 -7.33 14.09 -30.16
CA GLY B 236 -7.29 14.31 -31.61
C GLY B 236 -7.82 15.64 -31.99
N ASP B 237 -8.32 15.69 -33.24
CA ASP B 237 -8.80 16.94 -33.80
CA ASP B 237 -8.85 16.92 -33.82
C ASP B 237 -10.13 17.33 -33.17
N ILE B 238 -10.24 18.62 -32.89
CA ILE B 238 -11.46 19.21 -32.34
C ILE B 238 -12.16 19.97 -33.42
N PRO B 239 -13.50 19.82 -33.59
CA PRO B 239 -14.25 20.51 -34.67
C PRO B 239 -13.97 22.01 -34.47
N GLU B 240 -13.84 22.71 -35.58
CA GLU B 240 -13.61 24.17 -35.56
C GLU B 240 -14.61 24.96 -34.81
N ASN B 241 -15.85 24.53 -34.86
CA ASN B 241 -16.89 25.25 -34.20
C ASN B 241 -17.48 24.47 -32.97
N PHE B 242 -16.65 23.64 -32.35
CA PHE B 242 -17.02 23.03 -31.06
C PHE B 242 -17.57 24.08 -30.14
N THR B 243 -18.66 23.81 -29.48
CA THR B 243 -19.17 24.70 -28.47
C THR B 243 -18.90 24.15 -27.07
N ASP B 244 -19.67 23.15 -26.69
CA ASP B 244 -19.47 22.49 -25.39
C ASP B 244 -20.00 21.03 -25.45
N ASP B 245 -19.57 20.23 -24.46
CA ASP B 245 -20.10 18.87 -24.32
C ASP B 245 -20.05 18.40 -22.91
N ILE B 246 -20.87 17.36 -22.58
CA ILE B 246 -21.02 16.94 -21.21
C ILE B 246 -20.66 15.46 -21.02
N PHE B 247 -20.05 15.22 -19.86
CA PHE B 247 -19.83 13.87 -19.30
C PHE B 247 -20.74 13.79 -18.10
N GLU B 248 -21.76 12.91 -18.13
CA GLU B 248 -22.81 12.95 -17.10
C GLU B 248 -22.64 11.70 -16.23
N ILE B 249 -22.51 11.91 -14.94
CA ILE B 249 -22.30 10.80 -14.05
C ILE B 249 -23.41 10.70 -12.99
N ASP B 250 -24.12 9.59 -13.04
CA ASP B 250 -25.24 9.30 -12.10
C ASP B 250 -24.73 9.09 -10.71
N TYR B 251 -23.64 8.31 -10.56
CA TYR B 251 -23.12 7.98 -9.23
C TYR B 251 -21.72 7.45 -9.35
N VAL B 252 -20.98 7.68 -8.28
CA VAL B 252 -19.76 6.93 -7.98
C VAL B 252 -19.94 6.16 -6.70
N ARG B 253 -19.57 4.88 -6.70
CA ARG B 253 -19.69 4.03 -5.47
C ARG B 253 -18.36 3.29 -5.36
N ILE B 254 -17.78 3.22 -4.18
CA ILE B 254 -16.62 2.43 -3.94
C ILE B 254 -16.89 1.51 -2.76
N TYR B 255 -16.63 0.24 -2.94
CA TYR B 255 -16.90 -0.81 -1.93
C TYR B 255 -15.57 -1.47 -1.60
N GLN B 256 -15.46 -1.92 -0.36
CA GLN B 256 -14.36 -2.79 -0.01
C GLN B 256 -14.84 -4.14 0.61
C1 GLC C . 9.50 -2.41 17.88
C2 GLC C . 10.53 -1.25 18.05
C3 GLC C . 11.77 -1.63 17.22
C4 GLC C . 12.28 -2.95 17.62
C5 GLC C . 11.18 -3.92 17.24
C6 GLC C . 11.50 -5.37 17.56
O1 GLC C . 8.81 -2.37 16.65
O2 GLC C . 9.91 -0.08 17.62
O3 GLC C . 12.81 -0.60 17.41
O4 GLC C . 13.50 -3.23 16.92
O5 GLC C . 10.01 -3.59 18.03
O6 GLC C . 11.75 -5.57 18.94
C2 BGC C . 13.86 1.51 17.01
C3 BGC C . 14.00 2.62 16.01
C4 BGC C . 14.31 2.03 14.59
C5 BGC C . 13.24 0.98 14.21
C6 BGC C . 13.54 0.22 12.93
C1 BGC C . 12.83 0.48 16.48
O2 BGC C . 13.45 2.06 18.23
O3 BGC C . 15.10 3.42 16.43
O4 BGC C . 14.22 3.00 13.54
O5 BGC C . 13.25 -0.04 15.24
O6 BGC C . 14.72 -0.55 12.98
C2 BGC C . 15.31 4.34 11.88
C3 BGC C . 16.54 5.16 11.64
C4 BGC C . 16.65 6.30 12.66
C5 BGC C . 16.51 5.70 14.08
C6 BGC C . 16.63 6.78 15.13
C1 BGC C . 15.33 3.81 13.30
O2 BGC C . 15.27 3.27 10.95
O3 BGC C . 16.48 5.77 10.39
O4 BGC C . 17.91 6.92 12.53
O5 BGC C . 15.31 4.92 14.19
O6 BGC C . 16.63 6.13 16.41
C1 GLC D . -3.79 7.51 -18.44
C2 GLC D . -2.67 8.40 -19.09
C3 GLC D . -2.73 9.82 -18.49
C4 GLC D . -4.06 10.41 -18.88
C5 GLC D . -5.13 9.56 -18.16
C6 GLC D . -6.53 9.97 -18.39
O1 GLC D . -3.47 7.16 -17.08
O2 GLC D . -1.47 7.75 -18.70
O3 GLC D . -1.66 10.67 -18.98
O4 GLC D . -4.16 11.76 -18.42
O5 GLC D . -4.99 8.18 -18.66
O6 GLC D . -6.89 9.99 -19.79
C2 BGC D . 0.53 11.48 -18.92
C3 BGC D . 1.73 11.65 -18.09
C4 BGC D . 1.36 12.20 -16.66
C5 BGC D . 0.20 11.37 -16.02
C6 BGC D . -0.36 11.88 -14.70
C1 BGC D . -0.51 10.69 -18.19
O2 BGC D . 0.94 10.82 -20.12
O3 BGC D . 2.65 12.55 -18.71
O4 BGC D . 2.46 12.11 -15.73
O5 BGC D . -0.88 11.34 -16.99
O6 BGC D . -1.01 13.23 -14.88
C2 BGC D . 3.97 13.25 -14.28
C3 BGC D . 5.03 14.30 -14.26
C4 BGC D . 6.04 13.99 -15.36
C5 BGC D . 5.30 13.86 -16.71
C6 BGC D . 6.17 13.63 -17.91
C1 BGC D . 3.43 13.09 -15.69
O2 BGC D . 2.97 13.35 -13.25
O3 BGC D . 5.75 14.29 -13.03
O4 BGC D . 6.88 15.07 -15.52
O5 BGC D . 4.35 12.81 -16.65
O6 BGC D . 5.49 13.69 -19.16
CA CA E . 7.19 -26.68 10.73
CA CA F . -27.57 10.00 -9.18
#